data_2PRX
#
_entry.id   2PRX
#
_cell.length_a   38.501
_cell.length_b   38.501
_cell.length_c   172.247
_cell.angle_alpha   90.000
_cell.angle_beta   90.000
_cell.angle_gamma   120.000
#
_symmetry.space_group_name_H-M   'P 31'
#
loop_
_entity.id
_entity.type
_entity.pdbx_description
1 polymer 'Thioesterase superfamily protein'
2 water water
#
_entity_poly.entity_id   1
_entity_poly.type   'polypeptide(L)'
_entity_poly.pdbx_seq_one_letter_code
;G(MSE)QGIAFQDAYPDDLSHCYGCGRNNEQGHQLKSYWRGEQTIAHF(MSE)PKPFHTAIPGFVYGGLIASLIDCHGTG
SASAAAQRALEQAGEQLDEPPRFVTAALNIDYLAPTP(MSE)GVELELVGEIKEVKPRKVVVEIALSADGKLCARGH
(MSE)VAVK(MSE)PET(MSE)AATSA
;
_entity_poly.pdbx_strand_id   A,B
#
# COMPACT_ATOMS: atom_id res chain seq x y z
N PHE A 7 -1.18 9.85 16.99
CA PHE A 7 -0.47 11.13 17.02
C PHE A 7 1.02 10.87 17.07
N GLN A 8 1.73 11.35 16.06
CA GLN A 8 3.06 10.77 15.88
C GLN A 8 4.11 11.49 16.71
N ASP A 9 3.77 12.71 17.10
CA ASP A 9 4.63 13.51 17.97
C ASP A 9 4.47 13.04 19.41
N ALA A 10 3.35 12.38 19.68
CA ALA A 10 3.12 11.66 20.92
C ALA A 10 3.87 10.34 20.92
N TYR A 11 4.13 9.79 19.72
CA TYR A 11 4.89 8.55 19.67
C TYR A 11 5.36 8.28 18.23
N SER A 16 9.53 5.69 16.44
CA SER A 16 9.54 6.99 15.81
C SER A 16 10.22 7.01 14.43
N HIS A 17 10.57 5.83 13.91
CA HIS A 17 11.44 5.84 12.74
C HIS A 17 10.78 5.35 11.45
N CYS A 18 9.46 5.37 11.43
CA CYS A 18 8.59 5.13 10.28
C CYS A 18 8.52 6.36 9.38
N TYR A 19 7.61 6.44 8.42
CA TYR A 19 7.19 7.48 7.52
C TYR A 19 5.93 8.17 8.04
N GLY A 20 5.59 7.83 9.28
CA GLY A 20 4.54 8.51 10.03
C GLY A 20 5.13 9.65 10.86
N LEU A 31 4.06 11.66 8.10
CA LEU A 31 2.66 12.04 8.27
C LEU A 31 2.39 12.56 9.68
N LYS A 32 1.67 13.69 9.72
CA LYS A 32 1.16 14.26 10.97
C LYS A 32 -0.34 14.06 11.02
N SER A 33 -0.80 13.28 11.99
CA SER A 33 -2.22 12.98 12.13
C SER A 33 -2.71 13.62 13.44
N TYR A 34 -3.97 14.00 13.41
CA TYR A 34 -4.61 14.78 14.45
C TYR A 34 -6.08 14.39 14.61
N TRP A 35 -6.61 14.67 15.81
CA TRP A 35 -8.06 14.56 15.99
C TRP A 35 -8.79 15.64 15.21
N ARG A 36 -9.88 15.26 14.58
CA ARG A 36 -10.83 16.16 13.96
C ARG A 36 -12.19 15.87 14.56
N GLY A 37 -12.31 16.14 15.87
CA GLY A 37 -13.55 15.79 16.54
C GLY A 37 -13.55 14.31 16.88
N GLU A 38 -14.44 13.57 16.25
CA GLU A 38 -14.63 12.14 16.45
C GLU A 38 -13.90 11.35 15.36
N GLN A 39 -13.51 12.07 14.32
CA GLN A 39 -12.74 11.61 13.19
C GLN A 39 -11.29 12.05 13.44
N THR A 40 -10.40 11.47 12.67
CA THR A 40 -9.01 11.93 12.68
C THR A 40 -8.79 12.52 11.30
N ILE A 41 -7.67 13.20 11.08
CA ILE A 41 -7.37 13.81 9.79
C ILE A 41 -5.87 14.08 9.65
N ALA A 42 -5.44 14.08 8.38
CA ALA A 42 -4.10 14.41 7.97
C ALA A 42 -4.12 14.95 6.55
N HIS A 43 -3.01 15.59 6.23
CA HIS A 43 -2.72 16.18 4.94
C HIS A 43 -1.30 15.85 4.51
N PHE A 44 -1.09 15.75 3.19
CA PHE A 44 0.20 15.41 2.63
C PHE A 44 0.39 16.00 1.24
N PRO A 46 2.72 15.19 -1.91
CA PRO A 46 3.66 14.36 -2.68
C PRO A 46 4.82 15.18 -3.21
N LYS A 47 6.01 14.57 -3.26
CA LYS A 47 7.15 15.21 -3.89
C LYS A 47 6.97 15.00 -5.41
N PRO A 48 7.57 15.88 -6.22
CA PRO A 48 7.37 15.86 -7.67
C PRO A 48 7.68 14.51 -8.31
N PHE A 49 8.52 13.73 -7.64
CA PHE A 49 8.90 12.47 -8.25
C PHE A 49 7.98 11.34 -7.84
N HIS A 50 7.07 11.53 -6.89
CA HIS A 50 6.16 10.49 -6.46
C HIS A 50 5.06 10.18 -7.46
N THR A 51 5.40 10.12 -8.74
CA THR A 51 4.42 9.88 -9.80
C THR A 51 4.05 8.41 -9.98
N ALA A 52 2.96 8.25 -10.68
CA ALA A 52 2.36 7.01 -11.18
C ALA A 52 2.73 6.97 -12.68
N ILE A 53 2.13 7.78 -13.49
CA ILE A 53 2.23 8.33 -14.79
C ILE A 53 2.26 9.86 -14.61
N PRO A 54 2.74 10.63 -15.55
CA PRO A 54 2.71 12.09 -15.42
C PRO A 54 1.34 12.63 -15.05
N GLY A 55 1.39 13.55 -14.08
CA GLY A 55 0.21 14.31 -13.72
C GLY A 55 -0.54 13.73 -12.53
N PHE A 56 -0.17 12.52 -12.12
CA PHE A 56 -0.85 11.80 -11.05
C PHE A 56 0.15 11.18 -10.08
N VAL A 57 -0.38 10.83 -8.93
CA VAL A 57 0.32 10.37 -7.76
C VAL A 57 0.37 8.84 -7.64
N TYR A 58 1.59 8.39 -7.32
CA TYR A 58 1.84 6.97 -7.14
C TYR A 58 0.89 6.32 -6.16
N GLY A 59 0.27 5.21 -6.56
CA GLY A 59 -0.56 4.39 -5.72
C GLY A 59 0.09 3.84 -4.48
N GLY A 60 1.36 3.43 -4.50
CA GLY A 60 2.09 2.96 -3.33
C GLY A 60 2.14 4.01 -2.20
N LEU A 61 2.44 5.23 -2.63
CA LEU A 61 2.46 6.36 -1.72
C LEU A 61 1.08 6.54 -1.09
N ILE A 62 0.04 6.53 -1.90
CA ILE A 62 -1.34 6.62 -1.41
C ILE A 62 -1.62 5.50 -0.44
N ALA A 63 -1.35 4.24 -0.80
CA ALA A 63 -1.55 3.16 0.13
C ALA A 63 -0.70 3.32 1.39
N SER A 64 0.46 3.93 1.25
CA SER A 64 1.38 4.14 2.36
C SER A 64 0.76 5.11 3.37
N LEU A 65 0.18 6.19 2.88
CA LEU A 65 -0.39 7.24 3.76
C LEU A 65 -1.65 6.75 4.42
N ILE A 66 -2.43 5.88 3.80
CA ILE A 66 -3.61 5.36 4.51
C ILE A 66 -3.20 4.48 5.70
N ASP A 67 -2.19 3.67 5.48
CA ASP A 67 -1.63 2.79 6.49
C ASP A 67 -1.16 3.55 7.72
N CYS A 68 -0.37 4.61 7.49
CA CYS A 68 0.17 5.26 8.70
C CYS A 68 -0.91 6.14 9.30
N HIS A 69 -1.81 6.68 8.47
CA HIS A 69 -2.87 7.50 9.11
C HIS A 69 -3.79 6.59 9.91
N GLY A 70 -4.05 5.40 9.38
CA GLY A 70 -4.98 4.44 9.93
C GLY A 70 -4.50 3.84 11.24
N THR A 71 -3.18 3.65 11.28
CA THR A 71 -2.51 3.15 12.47
CA THR A 71 -2.51 3.15 12.47
C THR A 71 -2.45 4.29 13.49
N GLY A 72 -2.09 5.47 12.98
CA GLY A 72 -2.08 6.65 13.84
C GLY A 72 -3.47 6.78 14.48
N SER A 73 -4.48 6.79 13.63
CA SER A 73 -5.86 6.83 14.07
C SER A 73 -6.15 5.75 15.10
N ALA A 74 -5.66 4.54 14.85
CA ALA A 74 -5.89 3.42 15.76
C ALA A 74 -5.34 3.70 17.15
N SER A 75 -4.08 4.07 17.24
CA SER A 75 -3.44 4.27 18.54
CA SER A 75 -3.44 4.27 18.54
C SER A 75 -4.17 5.36 19.32
N ALA A 76 -4.50 6.45 18.63
CA ALA A 76 -5.22 7.50 19.38
C ALA A 76 -6.54 6.96 19.94
N ALA A 77 -7.34 6.33 19.10
CA ALA A 77 -8.63 5.77 19.48
C ALA A 77 -8.57 4.80 20.64
N ALA A 78 -7.61 3.87 20.61
CA ALA A 78 -7.47 2.95 21.73
C ALA A 78 -7.16 3.74 23.01
N GLN A 79 -6.28 4.73 22.91
CA GLN A 79 -5.98 5.49 24.12
C GLN A 79 -7.23 6.11 24.74
N PRO A 93 0.08 3.72 23.00
CA PRO A 93 0.09 2.32 22.55
C PRO A 93 0.46 2.23 21.08
N ARG A 94 1.35 1.30 20.74
CA ARG A 94 1.76 0.96 19.40
C ARG A 94 0.77 -0.02 18.77
N PHE A 95 0.33 0.32 17.57
CA PHE A 95 -0.55 -0.51 16.77
C PHE A 95 0.14 -0.85 15.44
N VAL A 96 -0.22 -1.99 14.87
CA VAL A 96 0.19 -2.47 13.56
C VAL A 96 -0.97 -2.85 12.66
N THR A 97 -0.73 -2.79 11.35
CA THR A 97 -1.79 -3.13 10.42
C THR A 97 -1.89 -4.65 10.32
N ALA A 98 -3.07 -5.23 10.42
CA ALA A 98 -3.23 -6.67 10.25
C ALA A 98 -3.81 -6.97 8.87
N ALA A 99 -4.71 -6.08 8.47
CA ALA A 99 -5.28 -6.10 7.14
C ALA A 99 -5.58 -4.67 6.71
N LEU A 100 -5.30 -4.40 5.45
CA LEU A 100 -5.60 -3.12 4.82
C LEU A 100 -6.09 -3.42 3.39
N ASN A 101 -7.33 -3.11 3.14
CA ASN A 101 -8.07 -3.23 1.90
C ASN A 101 -8.35 -1.85 1.35
N ILE A 102 -7.96 -1.69 0.08
CA ILE A 102 -8.04 -0.39 -0.54
C ILE A 102 -8.59 -0.48 -1.97
N ASP A 103 -9.63 0.26 -2.27
CA ASP A 103 -10.33 0.57 -3.48
C ASP A 103 -9.89 1.93 -4.00
N TYR A 104 -9.36 1.91 -5.21
CA TYR A 104 -8.88 3.08 -5.91
C TYR A 104 -9.99 3.66 -6.78
N LEU A 105 -10.64 4.71 -6.29
CA LEU A 105 -11.87 5.21 -6.87
C LEU A 105 -11.62 6.16 -8.02
N ALA A 106 -10.45 6.79 -8.05
CA ALA A 106 -10.09 7.68 -9.14
C ALA A 106 -8.59 7.96 -9.17
N PRO A 107 -8.09 8.45 -10.30
CA PRO A 107 -6.69 8.88 -10.34
C PRO A 107 -6.48 10.10 -9.44
N THR A 108 -5.32 10.13 -8.79
CA THR A 108 -4.97 11.17 -7.81
C THR A 108 -4.02 12.18 -8.43
N PRO A 109 -4.53 13.38 -8.73
CA PRO A 109 -3.70 14.41 -9.36
C PRO A 109 -2.46 14.77 -8.56
N GLY A 111 0.56 17.44 -7.55
CA GLY A 111 0.82 18.81 -7.19
C GLY A 111 -0.27 19.45 -6.36
N VAL A 112 -1.07 18.63 -5.72
CA VAL A 112 -2.13 19.14 -4.82
C VAL A 112 -2.05 18.43 -3.47
N GLU A 113 -2.30 19.19 -2.42
CA GLU A 113 -2.34 18.70 -1.04
C GLU A 113 -3.34 17.59 -0.86
N LEU A 114 -2.96 16.44 -0.30
CA LEU A 114 -3.89 15.34 -0.15
C LEU A 114 -4.50 15.33 1.25
N GLU A 115 -5.82 15.14 1.35
CA GLU A 115 -6.42 15.08 2.68
C GLU A 115 -6.82 13.65 3.03
N LEU A 116 -6.46 13.22 4.22
CA LEU A 116 -6.79 11.93 4.78
C LEU A 116 -7.64 12.06 6.05
N VAL A 117 -8.82 11.51 6.01
CA VAL A 117 -9.78 11.50 7.11
C VAL A 117 -10.12 10.07 7.52
N GLY A 118 -10.07 9.77 8.82
CA GLY A 118 -10.37 8.47 9.33
C GLY A 118 -11.67 8.40 10.11
N GLU A 119 -12.41 7.34 9.84
CA GLU A 119 -13.61 6.95 10.58
C GLU A 119 -13.29 5.80 11.52
N ILE A 120 -13.57 5.98 12.83
CA ILE A 120 -13.40 4.86 13.71
C ILE A 120 -14.61 3.94 13.72
N LYS A 121 -14.47 2.72 13.18
CA LYS A 121 -15.65 1.86 13.12
C LYS A 121 -15.83 0.96 14.33
N GLU A 122 -14.78 0.75 15.13
CA GLU A 122 -14.86 -0.04 16.35
C GLU A 122 -13.54 -0.11 17.10
N VAL A 123 -13.60 -0.11 18.44
CA VAL A 123 -12.42 0.03 19.26
C VAL A 123 -12.42 -0.99 20.40
N ARG A 126 -7.04 -3.69 22.16
CA ARG A 126 -5.94 -4.22 21.35
C ARG A 126 -6.33 -4.37 19.88
N LYS A 127 -7.37 -3.72 19.41
CA LYS A 127 -7.81 -3.80 18.03
C LYS A 127 -8.84 -2.73 17.67
N VAL A 128 -8.49 -1.88 16.72
CA VAL A 128 -9.32 -0.86 16.10
C VAL A 128 -9.58 -1.23 14.62
N VAL A 129 -10.80 -0.98 14.20
CA VAL A 129 -11.21 -1.05 12.80
C VAL A 129 -11.42 0.37 12.28
N VAL A 130 -10.80 0.70 11.16
CA VAL A 130 -10.81 2.10 10.76
C VAL A 130 -11.13 2.25 9.28
N GLU A 131 -11.92 3.27 8.95
CA GLU A 131 -12.17 3.59 7.53
C GLU A 131 -11.54 4.93 7.19
N ILE A 132 -10.75 4.96 6.14
CA ILE A 132 -9.92 6.08 5.76
C ILE A 132 -10.31 6.46 4.31
N ALA A 133 -10.31 7.75 4.05
CA ALA A 133 -10.67 8.33 2.76
C ALA A 133 -9.58 9.29 2.37
N LEU A 134 -8.89 9.02 1.27
CA LEU A 134 -7.98 10.02 0.75
C LEU A 134 -8.61 10.78 -0.42
N SER A 135 -8.50 12.09 -0.36
CA SER A 135 -8.98 13.07 -1.29
C SER A 135 -7.89 14.01 -1.81
N ALA A 136 -8.18 14.61 -2.92
CA ALA A 136 -7.69 15.62 -3.81
C ALA A 136 -8.85 15.94 -4.78
N LEU A 140 -12.85 12.35 -3.68
CA LEU A 140 -12.41 11.08 -3.13
C LEU A 140 -11.59 10.30 -4.16
N CYS A 141 -10.36 9.94 -3.80
CA CYS A 141 -9.55 9.16 -4.73
C CYS A 141 -9.42 7.73 -4.28
N ALA A 142 -9.47 7.45 -2.97
CA ALA A 142 -9.36 6.06 -2.55
C ALA A 142 -9.93 5.87 -1.15
N ARG A 143 -10.69 4.80 -0.99
CA ARG A 143 -11.28 4.31 0.24
C ARG A 143 -10.45 3.15 0.77
N GLY A 144 -9.91 3.21 1.98
CA GLY A 144 -9.22 2.11 2.64
C GLY A 144 -9.98 1.61 3.87
N HIS A 145 -9.93 0.32 4.11
CA HIS A 145 -10.47 -0.40 5.25
C HIS A 145 -9.32 -1.10 5.99
N VAL A 147 -7.94 -3.00 9.69
CA VAL A 147 -7.95 -3.75 10.93
C VAL A 147 -6.55 -3.61 11.52
N ALA A 148 -6.45 -2.81 12.57
CA ALA A 148 -5.20 -2.61 13.27
C ALA A 148 -5.28 -3.24 14.66
N VAL A 149 -4.18 -3.89 15.01
CA VAL A 149 -4.03 -4.59 16.27
C VAL A 149 -2.82 -4.08 17.01
N LYS A 150 -2.79 -4.32 18.34
CA LYS A 150 -1.68 -3.73 19.09
C LYS A 150 -0.38 -4.40 18.68
N PRO A 152 2.46 -6.56 18.52
CA PRO A 152 2.81 -7.68 19.42
C PRO A 152 4.31 -7.74 19.70
N PHE B 7 8.15 -6.63 -19.27
CA PHE B 7 7.87 -6.37 -17.85
C PHE B 7 7.97 -4.88 -17.58
N GLN B 8 8.72 -4.30 -16.65
CA GLN B 8 8.66 -2.84 -16.57
C GLN B 8 9.63 -2.21 -17.57
N ASP B 9 10.42 -3.09 -18.17
CA ASP B 9 11.36 -2.66 -19.21
C ASP B 9 10.69 -2.71 -20.58
N ALA B 10 9.80 -3.66 -20.80
CA ALA B 10 8.95 -3.61 -22.00
C ALA B 10 7.83 -2.59 -21.84
N TYR B 11 7.58 -2.12 -20.62
CA TYR B 11 6.58 -1.08 -20.40
C TYR B 11 6.43 -0.70 -18.92
N SER B 16 5.90 4.24 -17.19
CA SER B 16 7.35 4.35 -17.27
C SER B 16 7.94 5.26 -16.21
N HIS B 17 7.16 6.14 -15.58
CA HIS B 17 7.78 7.02 -14.61
C HIS B 17 7.33 6.82 -13.16
N CYS B 18 6.92 5.61 -12.84
CA CYS B 18 6.48 5.20 -11.51
C CYS B 18 7.67 4.73 -10.68
N TYR B 19 7.49 4.25 -9.48
CA TYR B 19 8.20 3.43 -8.54
C TYR B 19 8.34 1.98 -8.99
N GLY B 20 7.83 1.74 -10.20
CA GLY B 20 8.14 0.53 -10.94
C GLY B 20 9.27 0.91 -11.91
N LEU B 31 11.46 -1.72 -9.28
CA LEU B 31 11.07 -3.14 -9.30
C LEU B 31 11.07 -3.72 -10.71
N LYS B 32 11.59 -4.93 -10.79
CA LYS B 32 11.59 -5.72 -12.04
C LYS B 32 10.77 -6.97 -11.80
N SER B 33 9.77 -7.20 -12.63
CA SER B 33 9.05 -8.46 -12.49
C SER B 33 9.37 -9.31 -13.74
N TYR B 34 9.40 -10.60 -13.51
CA TYR B 34 9.68 -11.63 -14.49
C TYR B 34 8.69 -12.78 -14.42
N TRP B 35 8.68 -13.56 -15.50
CA TRP B 35 7.97 -14.82 -15.51
C TRP B 35 8.86 -15.92 -14.91
N ARG B 36 8.24 -16.74 -14.06
CA ARG B 36 8.86 -18.02 -13.72
C ARG B 36 7.82 -19.12 -13.92
N GLY B 37 7.65 -19.49 -15.19
CA GLY B 37 6.59 -20.39 -15.57
C GLY B 37 5.27 -19.64 -15.71
N GLU B 38 4.28 -20.11 -14.96
CA GLU B 38 2.95 -19.52 -15.04
C GLU B 38 2.81 -18.43 -13.95
N GLN B 39 3.78 -18.47 -13.04
CA GLN B 39 3.92 -17.52 -11.96
C GLN B 39 4.94 -16.45 -12.32
N THR B 40 4.91 -15.36 -11.58
CA THR B 40 5.83 -14.27 -11.86
C THR B 40 6.64 -14.09 -10.59
N ILE B 41 7.73 -13.35 -10.67
CA ILE B 41 8.60 -13.08 -9.53
C ILE B 41 9.30 -11.73 -9.61
N ALA B 42 9.59 -11.17 -8.44
CA ALA B 42 10.38 -9.97 -8.28
C ALA B 42 11.26 -10.14 -7.03
N HIS B 43 12.30 -9.31 -6.99
CA HIS B 43 13.19 -9.28 -5.82
C HIS B 43 13.50 -7.83 -5.45
N PHE B 44 13.46 -7.52 -4.15
CA PHE B 44 13.75 -6.17 -3.71
C PHE B 44 14.55 -6.12 -2.40
N PRO B 46 15.29 -3.51 0.49
CA PRO B 46 15.02 -2.25 1.17
C PRO B 46 16.29 -1.55 1.68
N LYS B 47 16.35 -0.25 1.38
CA LYS B 47 17.41 0.61 1.87
C LYS B 47 17.19 0.68 3.39
N PRO B 48 18.22 0.89 4.20
CA PRO B 48 18.11 0.89 5.65
C PRO B 48 17.09 1.85 6.23
N PHE B 49 16.80 2.97 5.55
CA PHE B 49 15.82 3.87 6.16
C PHE B 49 14.39 3.38 5.92
N HIS B 50 14.20 2.27 5.24
CA HIS B 50 12.90 1.81 4.78
C HIS B 50 12.12 1.09 5.88
N THR B 51 12.25 1.58 7.10
CA THR B 51 11.91 0.96 8.35
C THR B 51 10.49 1.26 8.84
N ALA B 52 10.12 0.38 9.73
CA ALA B 52 8.90 0.30 10.50
C ALA B 52 9.17 0.84 11.91
N PRO B 54 12.95 -0.17 13.88
CA PRO B 54 14.30 -0.69 13.68
C PRO B 54 14.36 -2.21 13.66
N GLY B 55 14.91 -2.72 12.56
CA GLY B 55 15.03 -4.15 12.34
C GLY B 55 13.94 -4.73 11.45
N PHE B 56 12.96 -3.92 11.07
CA PHE B 56 11.77 -4.35 10.37
C PHE B 56 11.40 -3.38 9.26
N VAL B 57 10.81 -3.94 8.21
CA VAL B 57 10.53 -3.21 7.00
C VAL B 57 9.18 -2.48 7.03
N TYR B 58 9.24 -1.24 6.57
CA TYR B 58 8.08 -0.35 6.50
C TYR B 58 6.95 -1.03 5.74
N GLY B 59 5.81 -1.22 6.42
CA GLY B 59 4.67 -1.88 5.84
C GLY B 59 4.06 -1.27 4.60
N GLY B 60 4.29 0.00 4.31
CA GLY B 60 3.81 0.69 3.14
C GLY B 60 4.69 0.39 1.93
N LEU B 61 6.00 0.22 2.15
CA LEU B 61 6.84 -0.27 1.04
C LEU B 61 6.26 -1.57 0.50
N ILE B 62 6.11 -2.55 1.38
CA ILE B 62 5.53 -3.87 1.08
C ILE B 62 4.30 -3.72 0.22
N ALA B 63 3.40 -2.79 0.56
CA ALA B 63 2.26 -2.54 -0.30
C ALA B 63 2.66 -1.93 -1.65
N SER B 64 3.65 -1.04 -1.62
CA SER B 64 4.21 -0.45 -2.83
C SER B 64 4.72 -1.54 -3.77
N LEU B 65 5.51 -2.47 -3.26
CA LEU B 65 6.05 -3.60 -4.03
C LEU B 65 4.95 -4.55 -4.43
N ILE B 66 3.96 -4.85 -3.58
CA ILE B 66 2.94 -5.83 -3.99
C ILE B 66 2.12 -5.29 -5.14
N ASP B 67 1.90 -3.98 -5.05
CA ASP B 67 1.08 -3.21 -5.97
C ASP B 67 1.71 -3.11 -7.34
N CYS B 68 2.98 -2.73 -7.40
CA CYS B 68 3.62 -2.66 -8.73
C CYS B 68 3.88 -4.04 -9.27
N HIS B 69 4.15 -5.03 -8.43
CA HIS B 69 4.32 -6.36 -8.99
C HIS B 69 3.03 -6.92 -9.59
N GLY B 70 1.90 -6.65 -8.93
CA GLY B 70 0.62 -7.20 -9.36
C GLY B 70 0.14 -6.60 -10.66
N THR B 71 0.43 -5.32 -10.81
CA THR B 71 0.12 -4.59 -12.02
C THR B 71 1.02 -5.07 -13.16
N GLY B 72 2.28 -5.27 -12.81
CA GLY B 72 3.23 -5.82 -13.79
C GLY B 72 2.78 -7.20 -14.22
N SER B 73 2.57 -8.07 -13.23
CA SER B 73 2.01 -9.39 -13.48
C SER B 73 0.77 -9.34 -14.36
N ALA B 74 -0.11 -8.39 -14.12
CA ALA B 74 -1.31 -8.17 -14.93
C ALA B 74 -1.02 -7.82 -16.38
N SER B 75 -0.09 -6.91 -16.58
CA SER B 75 0.38 -6.52 -17.90
CA SER B 75 0.33 -6.52 -17.93
C SER B 75 0.88 -7.75 -18.65
N ALA B 76 1.62 -8.58 -17.95
CA ALA B 76 2.16 -9.77 -18.62
C ALA B 76 1.04 -10.66 -19.12
N ALA B 77 0.16 -11.08 -18.22
CA ALA B 77 -0.96 -11.97 -18.51
C ALA B 77 -1.83 -11.53 -19.67
N ALA B 78 -2.19 -10.25 -19.73
CA ALA B 78 -2.96 -9.79 -20.88
C ALA B 78 -2.06 -9.79 -22.11
N GLN B 79 -0.79 -9.41 -21.99
CA GLN B 79 0.15 -9.57 -23.09
C GLN B 79 0.14 -10.97 -23.68
N ARG B 80 -0.12 -11.95 -22.86
CA ARG B 80 -0.36 -13.35 -23.21
C ARG B 80 -1.83 -13.66 -23.01
N PRO B 93 0.26 -4.15 -22.68
CA PRO B 93 -0.97 -3.46 -22.30
C PRO B 93 -0.86 -2.89 -20.89
N ARG B 94 -1.35 -1.66 -20.74
CA ARG B 94 -1.28 -0.89 -19.51
C ARG B 94 -2.40 -1.28 -18.54
N PHE B 95 -2.04 -1.52 -17.28
CA PHE B 95 -3.01 -1.92 -16.28
C PHE B 95 -2.85 -1.06 -15.02
N VAL B 96 -3.98 -0.83 -14.37
CA VAL B 96 -4.06 -0.09 -13.12
C VAL B 96 -4.76 -0.88 -12.02
N THR B 97 -4.31 -0.58 -10.81
CA THR B 97 -4.91 -1.21 -9.63
C THR B 97 -6.30 -0.64 -9.40
N ALA B 98 -7.32 -1.47 -9.27
CA ALA B 98 -8.64 -0.99 -8.89
C ALA B 98 -8.86 -1.33 -7.41
N ALA B 99 -8.37 -2.50 -7.02
CA ALA B 99 -8.45 -2.90 -5.63
C ALA B 99 -7.22 -3.69 -5.20
N LEU B 100 -6.83 -3.46 -3.96
CA LEU B 100 -5.68 -4.01 -3.32
C LEU B 100 -6.04 -4.30 -1.85
N ASN B 101 -5.94 -5.55 -1.49
CA ASN B 101 -6.18 -6.07 -0.14
C ASN B 101 -4.94 -6.78 0.34
N ILE B 102 -4.46 -6.31 1.49
CA ILE B 102 -3.25 -6.95 2.02
C ILE B 102 -3.43 -7.43 3.47
N ASP B 103 -3.16 -8.69 3.69
CA ASP B 103 -2.94 -9.38 4.93
C ASP B 103 -1.45 -9.35 5.29
N TYR B 104 -1.14 -8.69 6.40
CA TYR B 104 0.24 -8.73 6.88
C TYR B 104 0.38 -9.88 7.86
N LEU B 105 1.03 -10.95 7.38
CA LEU B 105 1.05 -12.20 8.12
C LEU B 105 2.10 -12.24 9.20
N ALA B 106 3.19 -11.48 9.01
CA ALA B 106 4.34 -11.55 9.90
C ALA B 106 5.22 -10.33 9.67
N PRO B 107 5.96 -9.94 10.70
CA PRO B 107 6.95 -8.88 10.54
C PRO B 107 8.00 -9.29 9.48
N THR B 108 8.34 -8.30 8.69
CA THR B 108 9.29 -8.39 7.58
C THR B 108 10.64 -7.85 8.03
N PRO B 109 11.63 -8.72 8.17
CA PRO B 109 12.93 -8.30 8.69
C PRO B 109 13.69 -7.42 7.70
N GLY B 111 17.17 -5.75 6.08
CA GLY B 111 18.46 -6.21 5.61
C GLY B 111 18.40 -7.53 4.87
N VAL B 112 17.19 -7.99 4.55
CA VAL B 112 17.07 -9.21 3.76
C VAL B 112 16.34 -8.93 2.46
N GLU B 113 16.79 -9.58 1.39
CA GLU B 113 16.12 -9.47 0.10
C GLU B 113 14.69 -9.96 0.16
N LEU B 114 13.76 -9.14 -0.33
CA LEU B 114 12.39 -9.63 -0.39
C LEU B 114 12.12 -10.28 -1.75
N GLU B 115 11.42 -11.40 -1.69
CA GLU B 115 11.04 -12.05 -2.96
C GLU B 115 9.54 -11.98 -3.13
N LEU B 116 9.10 -11.56 -4.32
CA LEU B 116 7.67 -11.52 -4.57
C LEU B 116 7.28 -12.55 -5.64
N VAL B 117 6.30 -13.37 -5.29
CA VAL B 117 5.70 -14.39 -6.14
C VAL B 117 4.31 -13.93 -6.57
N GLY B 118 3.93 -14.11 -7.82
CA GLY B 118 2.60 -13.75 -8.24
C GLY B 118 1.93 -14.90 -9.01
N GLU B 119 0.68 -15.13 -8.69
CA GLU B 119 -0.23 -16.10 -9.28
C GLU B 119 -1.36 -15.37 -10.01
N ILE B 120 -1.59 -15.76 -11.26
CA ILE B 120 -2.68 -15.26 -12.07
C ILE B 120 -3.94 -16.08 -11.78
N LYS B 121 -4.97 -15.44 -11.23
CA LYS B 121 -6.17 -16.22 -10.92
C LYS B 121 -7.25 -16.03 -11.97
N GLU B 122 -7.21 -14.93 -12.72
CA GLU B 122 -8.15 -14.66 -13.79
C GLU B 122 -7.58 -13.73 -14.85
N VAL B 123 -7.78 -14.12 -16.11
CA VAL B 123 -7.43 -13.30 -17.26
C VAL B 123 -8.59 -13.27 -18.25
N ARG B 126 -9.78 -6.97 -20.40
CA ARG B 126 -9.30 -5.74 -19.80
C ARG B 126 -9.10 -5.83 -18.30
N LYS B 127 -9.01 -7.02 -17.71
CA LYS B 127 -8.81 -7.14 -16.27
C LYS B 127 -8.23 -8.49 -15.86
N VAL B 128 -7.20 -8.45 -15.03
CA VAL B 128 -6.53 -9.59 -14.44
C VAL B 128 -6.76 -9.61 -12.92
N VAL B 129 -6.80 -10.81 -12.34
CA VAL B 129 -6.88 -10.99 -10.90
C VAL B 129 -5.60 -11.69 -10.45
N VAL B 130 -4.89 -11.07 -9.52
CA VAL B 130 -3.62 -11.65 -9.09
C VAL B 130 -3.55 -11.76 -7.56
N GLU B 131 -2.88 -12.81 -7.16
CA GLU B 131 -2.51 -13.12 -5.78
C GLU B 131 -1.00 -12.95 -5.62
N ILE B 132 -0.55 -12.13 -4.70
CA ILE B 132 0.84 -11.80 -4.49
C ILE B 132 1.20 -12.23 -3.06
N ALA B 133 2.29 -12.92 -2.91
CA ALA B 133 2.96 -13.44 -1.78
C ALA B 133 4.32 -12.76 -1.65
N LEU B 134 4.55 -12.12 -0.50
CA LEU B 134 5.87 -11.55 -0.28
C LEU B 134 6.58 -12.21 0.89
N SER B 135 7.78 -12.72 0.65
CA SER B 135 8.60 -13.45 1.59
C SER B 135 9.99 -12.85 1.80
N ALA B 136 10.47 -13.16 2.99
CA ALA B 136 11.73 -12.80 3.61
C ALA B 136 12.19 -13.91 4.57
N LEU B 140 6.53 -16.41 4.72
CA LEU B 140 5.61 -15.46 4.13
C LEU B 140 5.33 -14.30 5.08
N CYS B 141 5.49 -13.08 4.55
CA CYS B 141 5.19 -11.97 5.48
C CYS B 141 3.87 -11.35 5.09
N ALA B 142 3.50 -11.34 3.81
CA ALA B 142 2.30 -10.57 3.46
C ALA B 142 1.71 -11.02 2.15
N ARG B 143 0.40 -11.18 2.10
CA ARG B 143 -0.34 -11.72 0.97
C ARG B 143 -1.17 -10.63 0.32
N GLY B 144 -1.24 -10.48 -0.99
CA GLY B 144 -2.12 -9.49 -1.60
C GLY B 144 -3.10 -10.14 -2.57
N HIS B 145 -4.36 -9.74 -2.54
CA HIS B 145 -5.38 -10.03 -3.53
C HIS B 145 -5.69 -8.77 -4.32
N VAL B 147 -7.04 -6.82 -8.01
CA VAL B 147 -7.86 -6.56 -9.15
C VAL B 147 -7.15 -5.47 -9.96
N ALA B 148 -6.58 -5.82 -11.10
CA ALA B 148 -6.09 -4.81 -12.01
C ALA B 148 -7.02 -4.75 -13.22
N VAL B 149 -7.29 -3.53 -13.67
CA VAL B 149 -8.01 -3.39 -14.93
C VAL B 149 -7.14 -2.73 -16.00
N LYS B 150 -7.61 -2.76 -17.26
CA LYS B 150 -6.80 -2.06 -18.25
C LYS B 150 -6.80 -0.58 -17.89
N PRO B 152 -7.64 2.95 -18.12
CA PRO B 152 -8.56 3.63 -19.03
C PRO B 152 -7.80 4.59 -19.94
#